data_8I86
#
_entry.id   8I86
#
_cell.length_a   82.155
_cell.length_b   86.784
_cell.length_c   87.335
_cell.angle_alpha   90.00
_cell.angle_beta   90.00
_cell.angle_gamma   90.00
#
_symmetry.space_group_name_H-M   'P 21 21 21'
#
loop_
_entity.id
_entity.type
_entity.pdbx_description
1 polymer 'Viomycin kinase'
2 non-polymer DI(HYDROXYETHYL)ETHER
3 non-polymer "GUANOSINE-5'-TRIPHOSPHATE"
4 water water
#
_entity_poly.entity_id   1
_entity_poly.type   'polypeptide(L)'
_entity_poly.pdbx_seq_one_letter_code
;MGILQANRVLLSRLLPGVEPEGLTVRHGQFHQVVIASDRVVCLPRTAAAAARLPRRAAVMRVLAGLDLGCRTPRPLCEGS
AEGAVELPFLVLSRVPGAPLEADALEDSKVAEVVAAQYVTLLSGLASAGADEKVRAALPAPQGRWRQFAADVRAELFPLM
SDGGCRQAERELAALDSLPDITEAVVHGNLGAENVLWVRDDGLPRLSGVIDWDEVSIGDPAEDLAAIGAGYGKDFLDQVL
TLGGWSDRRMATRIATIRATFALQQALSACRDGDEEELADGLTGYR
;
_entity_poly.pdbx_strand_id   B,A
#
# COMPACT_ATOMS: atom_id res chain seq x y z
N GLY A 2 -15.26 9.03 -26.33
CA GLY A 2 -15.08 8.18 -25.13
C GLY A 2 -14.37 8.93 -24.01
N ILE A 3 -14.41 8.35 -22.81
CA ILE A 3 -13.79 8.94 -21.63
C ILE A 3 -12.27 8.98 -21.82
N LEU A 4 -11.72 7.92 -22.43
CA LEU A 4 -10.30 7.85 -22.70
C LEU A 4 -9.91 8.92 -23.72
N GLN A 5 -10.77 9.13 -24.72
CA GLN A 5 -10.54 10.13 -25.75
C GLN A 5 -10.50 11.50 -25.10
N ALA A 6 -11.58 11.82 -24.37
CA ALA A 6 -11.83 13.15 -23.84
C ALA A 6 -10.70 13.61 -22.92
N ASN A 7 -10.13 12.67 -22.14
CA ASN A 7 -9.11 13.02 -21.15
C ASN A 7 -7.73 12.56 -21.62
N ARG A 8 -7.53 12.51 -22.95
CA ARG A 8 -6.32 11.98 -23.57
C ARG A 8 -5.09 12.73 -23.07
N VAL A 9 -5.19 14.07 -23.04
CA VAL A 9 -4.05 14.92 -22.72
C VAL A 9 -3.61 14.68 -21.27
N LEU A 10 -4.59 14.66 -20.35
CA LEU A 10 -4.30 14.47 -18.94
C LEU A 10 -3.68 13.09 -18.70
N LEU A 11 -4.27 12.05 -19.31
CA LEU A 11 -3.79 10.69 -19.13
C LEU A 11 -2.36 10.54 -19.65
N SER A 12 -2.01 11.27 -20.72
CA SER A 12 -0.67 11.20 -21.28
C SER A 12 0.35 11.81 -20.33
N ARG A 13 -0.07 12.75 -19.48
CA ARG A 13 0.82 13.30 -18.47
C ARG A 13 0.98 12.33 -17.30
N LEU A 14 -0.13 11.71 -16.88
CA LEU A 14 -0.15 10.85 -15.71
C LEU A 14 0.46 9.49 -16.01
N LEU A 15 0.25 9.01 -17.24
CA LEU A 15 0.74 7.70 -17.68
C LEU A 15 1.62 7.92 -18.92
N PRO A 16 2.78 8.59 -18.79
CA PRO A 16 3.56 8.98 -19.96
C PRO A 16 3.96 7.79 -20.83
N GLY A 17 3.69 7.93 -22.13
CA GLY A 17 4.09 6.92 -23.11
C GLY A 17 3.16 5.72 -23.15
N VAL A 18 2.01 5.80 -22.45
CA VAL A 18 1.04 4.73 -22.47
C VAL A 18 -0.03 5.09 -23.51
N GLU A 19 -0.35 4.14 -24.39
CA GLU A 19 -1.38 4.35 -25.39
C GLU A 19 -2.74 4.17 -24.71
N PRO A 20 -3.57 5.24 -24.60
CA PRO A 20 -4.87 5.13 -23.92
C PRO A 20 -5.92 4.27 -24.63
N GLU A 21 -5.59 3.77 -25.82
CA GLU A 21 -6.38 2.71 -26.46
C GLU A 21 -6.42 1.51 -25.52
N GLY A 22 -5.24 1.06 -25.07
CA GLY A 22 -5.10 -0.16 -24.30
C GLY A 22 -5.35 0.03 -22.80
N LEU A 23 -6.33 0.87 -22.44
CA LEU A 23 -6.73 1.07 -21.06
C LEU A 23 -8.21 0.72 -20.92
N THR A 24 -8.61 0.34 -19.70
CA THR A 24 -9.99 0.00 -19.37
C THR A 24 -10.58 1.16 -18.58
N VAL A 25 -11.91 1.18 -18.47
CA VAL A 25 -12.63 2.20 -17.70
C VAL A 25 -13.77 1.54 -16.93
N ARG A 26 -13.80 1.77 -15.60
CA ARG A 26 -14.92 1.38 -14.77
C ARG A 26 -15.74 2.63 -14.43
N HIS A 27 -17.06 2.51 -14.50
CA HIS A 27 -17.96 3.64 -14.28
C HIS A 27 -18.33 3.72 -12.80
N GLY A 28 -18.21 4.91 -12.23
CA GLY A 28 -18.69 5.18 -10.88
C GLY A 28 -19.80 6.23 -10.91
N GLN A 29 -20.48 6.39 -9.78
CA GLN A 29 -21.53 7.39 -9.61
C GLN A 29 -20.94 8.79 -9.83
N PHE A 30 -19.76 9.02 -9.26
CA PHE A 30 -19.13 10.34 -9.26
C PHE A 30 -17.91 10.35 -10.16
N HIS A 31 -17.11 9.28 -10.14
CA HIS A 31 -15.84 9.24 -10.84
C HIS A 31 -15.89 8.21 -11.96
N GLN A 32 -15.25 8.54 -13.09
CA GLN A 32 -14.86 7.54 -14.07
C GLN A 32 -13.43 7.11 -13.72
N VAL A 33 -13.23 5.80 -13.47
CA VAL A 33 -11.94 5.33 -13.00
C VAL A 33 -11.24 4.65 -14.17
N VAL A 34 -10.12 5.22 -14.58
CA VAL A 34 -9.31 4.71 -15.69
C VAL A 34 -8.31 3.70 -15.12
N ILE A 35 -8.28 2.50 -15.69
CA ILE A 35 -7.51 1.40 -15.15
C ILE A 35 -6.27 1.17 -16.02
N ALA A 36 -5.10 1.34 -15.39
CA ALA A 36 -3.81 1.11 -16.01
C ALA A 36 -3.17 -0.11 -15.36
N SER A 37 -1.96 -0.46 -15.79
CA SER A 37 -1.33 -1.71 -15.40
C SER A 37 -1.08 -1.78 -13.89
N ASP A 38 -0.64 -0.66 -13.29
CA ASP A 38 -0.17 -0.65 -11.91
C ASP A 38 -0.94 0.37 -11.07
N ARG A 39 -1.90 1.07 -11.67
CA ARG A 39 -2.56 2.17 -11.00
C ARG A 39 -3.86 2.52 -11.71
N VAL A 40 -4.69 3.30 -11.01
CA VAL A 40 -6.01 3.69 -11.48
C VAL A 40 -6.16 5.20 -11.34
N VAL A 41 -6.84 5.84 -12.30
CA VAL A 41 -7.03 7.29 -12.29
C VAL A 41 -8.51 7.59 -12.15
N CYS A 42 -8.89 8.19 -11.00
CA CYS A 42 -10.25 8.66 -10.80
C CYS A 42 -10.42 10.04 -11.44
N LEU A 43 -11.26 10.09 -12.48
CA LEU A 43 -11.59 11.33 -13.16
C LEU A 43 -13.00 11.76 -12.77
N PRO A 44 -13.19 12.99 -12.24
CA PRO A 44 -14.51 13.43 -11.78
C PRO A 44 -15.45 13.74 -12.95
N ARG A 45 -16.71 13.31 -12.82
CA ARG A 45 -17.70 13.46 -13.87
C ARG A 45 -18.28 14.87 -13.84
N THR A 46 -18.35 15.46 -12.63
CA THR A 46 -18.87 16.80 -12.43
C THR A 46 -17.96 17.56 -11.47
N ALA A 47 -18.15 18.88 -11.38
CA ALA A 47 -17.39 19.71 -10.47
C ALA A 47 -17.66 19.26 -9.02
N ALA A 48 -18.91 18.85 -8.75
CA ALA A 48 -19.29 18.30 -7.46
C ALA A 48 -18.45 17.07 -7.14
N ALA A 49 -18.24 16.21 -8.16
CA ALA A 49 -17.43 15.02 -8.02
C ALA A 49 -15.97 15.40 -7.78
N ALA A 50 -15.53 16.48 -8.43
CA ALA A 50 -14.17 16.97 -8.27
C ALA A 50 -13.95 17.46 -6.84
N ALA A 51 -15.01 18.01 -6.22
CA ALA A 51 -14.92 18.56 -4.87
C ALA A 51 -14.88 17.47 -3.81
N ARG A 52 -15.22 16.22 -4.18
CA ARG A 52 -15.26 15.11 -3.25
C ARG A 52 -13.93 14.37 -3.20
N LEU A 53 -13.04 14.62 -4.16
CA LEU A 53 -11.82 13.84 -4.33
C LEU A 53 -10.81 14.13 -3.22
N PRO A 54 -10.71 15.36 -2.69
CA PRO A 54 -9.86 15.61 -1.53
C PRO A 54 -10.18 14.68 -0.36
N ARG A 55 -11.48 14.62 -0.02
CA ARG A 55 -12.00 13.76 1.04
C ARG A 55 -11.68 12.29 0.74
N ARG A 56 -11.87 11.90 -0.52
CA ARG A 56 -11.62 10.54 -0.96
C ARG A 56 -10.14 10.19 -0.74
N ALA A 57 -9.25 11.17 -0.90
CA ALA A 57 -7.82 10.88 -0.79
C ALA A 57 -7.50 10.62 0.68
N ALA A 58 -8.15 11.36 1.57
CA ALA A 58 -8.04 11.13 3.01
C ALA A 58 -8.57 9.75 3.35
N VAL A 59 -9.75 9.40 2.83
CA VAL A 59 -10.38 8.13 3.14
C VAL A 59 -9.46 6.97 2.73
N MET A 60 -8.86 7.06 1.54
CA MET A 60 -8.06 5.95 1.03
C MET A 60 -6.75 5.83 1.80
N ARG A 61 -6.23 6.98 2.29
CA ARG A 61 -5.05 6.97 3.14
C ARG A 61 -5.36 6.24 4.46
N VAL A 62 -6.54 6.51 5.03
CA VAL A 62 -6.94 5.91 6.29
C VAL A 62 -7.07 4.40 6.11
N LEU A 63 -7.60 3.95 4.96
CA LEU A 63 -7.81 2.53 4.69
C LEU A 63 -6.47 1.83 4.51
N ALA A 64 -5.50 2.53 3.91
CA ALA A 64 -4.18 1.98 3.62
C ALA A 64 -3.40 1.74 4.91
N GLY A 65 -3.84 2.33 6.02
CA GLY A 65 -3.18 2.19 7.30
C GLY A 65 -3.93 1.25 8.26
N LEU A 66 -5.05 0.67 7.81
CA LEU A 66 -5.76 -0.31 8.61
C LEU A 66 -5.07 -1.66 8.49
N ASP A 67 -5.35 -2.53 9.46
CA ASP A 67 -4.78 -3.88 9.53
C ASP A 67 -5.84 -4.88 9.09
N LEU A 68 -5.85 -5.18 7.79
CA LEU A 68 -6.90 -5.97 7.17
C LEU A 68 -6.34 -7.31 6.70
N GLY A 69 -5.02 -7.50 6.79
CA GLY A 69 -4.37 -8.70 6.28
C GLY A 69 -4.26 -8.74 4.75
N CYS A 70 -4.55 -7.62 4.07
CA CYS A 70 -4.49 -7.57 2.62
C CYS A 70 -4.20 -6.13 2.16
N ARG A 71 -4.11 -5.95 0.84
CA ARG A 71 -3.90 -4.64 0.24
C ARG A 71 -5.21 -3.87 0.03
N THR A 72 -5.07 -2.55 -0.14
CA THR A 72 -6.14 -1.65 -0.55
C THR A 72 -5.56 -0.64 -1.53
N PRO A 73 -6.39 0.10 -2.31
CA PRO A 73 -5.89 1.09 -3.26
C PRO A 73 -5.26 2.25 -2.49
N ARG A 74 -3.95 2.40 -2.64
CA ARG A 74 -3.19 3.40 -1.91
C ARG A 74 -3.16 4.69 -2.72
N PRO A 75 -3.47 5.86 -2.11
CA PRO A 75 -3.43 7.12 -2.84
C PRO A 75 -2.00 7.52 -3.19
N LEU A 76 -1.80 7.90 -4.46
CA LEU A 76 -0.49 8.28 -4.98
C LEU A 76 -0.39 9.79 -5.18
N CYS A 77 -1.31 10.55 -4.56
CA CYS A 77 -1.21 12.00 -4.48
C CYS A 77 -0.31 12.37 -3.31
N GLU A 78 0.01 13.66 -3.16
CA GLU A 78 0.69 14.15 -1.97
C GLU A 78 -0.35 14.49 -0.90
N GLY A 79 0.07 14.39 0.36
CA GLY A 79 -0.79 14.58 1.52
C GLY A 79 -1.62 15.86 1.47
N SER A 80 -1.04 16.93 0.91
CA SER A 80 -1.68 18.24 0.88
C SER A 80 -2.84 18.29 -0.12
N ALA A 81 -2.96 17.27 -0.99
CA ALA A 81 -4.10 17.13 -1.87
C ALA A 81 -5.40 17.11 -1.08
N GLU A 82 -5.35 16.63 0.17
CA GLU A 82 -6.52 16.50 1.02
C GLU A 82 -7.01 17.87 1.49
N GLY A 83 -6.18 18.91 1.34
CA GLY A 83 -6.54 20.27 1.73
C GLY A 83 -7.20 21.06 0.60
N ALA A 84 -7.23 20.50 -0.62
CA ALA A 84 -7.73 21.22 -1.78
C ALA A 84 -9.25 21.30 -1.75
N VAL A 85 -9.79 22.34 -2.40
CA VAL A 85 -11.22 22.50 -2.60
C VAL A 85 -11.72 21.41 -3.55
N GLU A 86 -10.86 21.03 -4.50
CA GLU A 86 -11.24 20.26 -5.67
C GLU A 86 -9.97 19.62 -6.22
N LEU A 87 -10.07 18.41 -6.80
CA LEU A 87 -8.99 17.81 -7.56
C LEU A 87 -9.48 17.44 -8.95
N PRO A 88 -8.66 17.65 -10.00
CA PRO A 88 -9.01 17.20 -11.35
C PRO A 88 -8.83 15.69 -11.57
N PHE A 89 -8.11 15.02 -10.67
CA PHE A 89 -7.98 13.58 -10.71
C PHE A 89 -7.50 13.06 -9.35
N LEU A 90 -7.58 11.73 -9.18
CA LEU A 90 -6.91 11.05 -8.08
C LEU A 90 -6.33 9.74 -8.60
N VAL A 91 -5.03 9.52 -8.36
CA VAL A 91 -4.36 8.29 -8.75
C VAL A 91 -4.25 7.40 -7.51
N LEU A 92 -4.65 6.13 -7.65
CA LEU A 92 -4.53 5.11 -6.63
C LEU A 92 -3.72 3.95 -7.18
N SER A 93 -2.97 3.28 -6.29
CA SER A 93 -2.32 2.03 -6.64
C SER A 93 -3.38 1.00 -7.01
N ARG A 94 -3.02 0.09 -7.91
CA ARG A 94 -3.94 -0.96 -8.31
C ARG A 94 -3.60 -2.25 -7.56
N VAL A 95 -4.60 -2.80 -6.89
CA VAL A 95 -4.44 -4.03 -6.15
C VAL A 95 -4.31 -5.17 -7.16
N PRO A 96 -3.23 -5.98 -7.13
CA PRO A 96 -3.08 -7.11 -8.05
C PRO A 96 -3.98 -8.29 -7.68
N GLY A 97 -4.17 -9.19 -8.66
CA GLY A 97 -4.93 -10.42 -8.45
C GLY A 97 -6.22 -10.42 -9.26
N ALA A 98 -6.99 -11.51 -9.15
CA ALA A 98 -8.24 -11.69 -9.87
C ALA A 98 -9.33 -12.18 -8.91
N PRO A 99 -10.62 -11.98 -9.24
CA PRO A 99 -11.71 -12.53 -8.43
C PRO A 99 -11.69 -14.05 -8.35
N LEU A 100 -12.51 -14.59 -7.45
CA LEU A 100 -12.62 -16.02 -7.23
C LEU A 100 -14.03 -16.48 -7.61
N GLU A 101 -14.10 -17.42 -8.56
CA GLU A 101 -15.36 -18.04 -8.94
C GLU A 101 -15.82 -18.96 -7.81
N ALA A 102 -17.15 -19.04 -7.63
CA ALA A 102 -17.75 -19.82 -6.55
C ALA A 102 -17.31 -21.28 -6.65
N ASP A 103 -17.10 -21.77 -7.88
CA ASP A 103 -16.63 -23.13 -8.14
C ASP A 103 -15.56 -23.52 -7.13
N ALA A 104 -14.58 -22.63 -6.96
CA ALA A 104 -13.39 -22.91 -6.16
C ALA A 104 -13.77 -23.36 -4.75
N LEU A 105 -14.91 -22.87 -4.23
CA LEU A 105 -15.33 -23.12 -2.86
C LEU A 105 -15.94 -24.50 -2.67
N GLU A 106 -16.05 -25.29 -3.73
CA GLU A 106 -16.55 -26.66 -3.62
C GLU A 106 -15.50 -27.55 -2.98
N ASP A 107 -14.22 -27.23 -3.20
CA ASP A 107 -13.13 -27.87 -2.48
C ASP A 107 -13.14 -27.36 -1.03
N SER A 108 -13.11 -28.30 -0.09
CA SER A 108 -13.39 -28.00 1.30
C SER A 108 -12.25 -27.23 1.96
N LYS A 109 -11.01 -27.54 1.57
CA LYS A 109 -9.83 -26.94 2.17
C LYS A 109 -9.71 -25.49 1.70
N VAL A 110 -10.08 -25.26 0.43
CA VAL A 110 -10.06 -23.93 -0.17
C VAL A 110 -11.05 -23.03 0.56
N ALA A 111 -12.26 -23.54 0.80
CA ALA A 111 -13.31 -22.78 1.44
C ALA A 111 -12.90 -22.35 2.84
N GLU A 112 -12.29 -23.29 3.58
CA GLU A 112 -11.75 -23.05 4.91
C GLU A 112 -10.77 -21.88 4.85
N VAL A 113 -9.86 -21.93 3.87
CA VAL A 113 -8.78 -20.97 3.73
C VAL A 113 -9.36 -19.63 3.28
N VAL A 114 -10.26 -19.65 2.29
CA VAL A 114 -10.87 -18.42 1.80
C VAL A 114 -11.69 -17.77 2.92
N ALA A 115 -12.52 -18.54 3.61
CA ALA A 115 -13.33 -18.00 4.70
C ALA A 115 -12.42 -17.37 5.77
N ALA A 116 -11.29 -18.01 6.07
CA ALA A 116 -10.42 -17.53 7.13
C ALA A 116 -9.93 -16.12 6.81
N GLN A 117 -9.60 -15.87 5.54
CA GLN A 117 -8.99 -14.62 5.14
C GLN A 117 -10.05 -13.52 5.01
N TYR A 118 -11.27 -13.90 4.63
CA TYR A 118 -12.43 -13.03 4.75
C TYR A 118 -12.60 -12.58 6.20
N VAL A 119 -12.48 -13.52 7.14
CA VAL A 119 -12.65 -13.20 8.56
C VAL A 119 -11.62 -12.16 8.99
N THR A 120 -10.33 -12.40 8.68
CA THR A 120 -9.27 -11.45 8.96
C THR A 120 -9.65 -10.05 8.46
N LEU A 121 -10.13 -9.97 7.21
CA LEU A 121 -10.49 -8.70 6.60
C LEU A 121 -11.66 -8.05 7.35
N LEU A 122 -12.71 -8.81 7.64
CA LEU A 122 -13.88 -8.24 8.29
C LEU A 122 -13.58 -7.92 9.76
N SER A 123 -12.72 -8.70 10.41
CA SER A 123 -12.32 -8.41 11.78
C SER A 123 -11.52 -7.11 11.81
N GLY A 124 -10.61 -6.95 10.86
CA GLY A 124 -9.89 -5.70 10.68
C GLY A 124 -10.85 -4.52 10.56
N LEU A 125 -11.85 -4.65 9.67
CA LEU A 125 -12.82 -3.60 9.43
C LEU A 125 -13.66 -3.34 10.68
N ALA A 126 -14.14 -4.41 11.33
CA ALA A 126 -14.97 -4.27 12.51
C ALA A 126 -14.24 -3.46 13.60
N SER A 127 -13.01 -3.87 13.93
CA SER A 127 -12.24 -3.20 14.97
C SER A 127 -11.88 -1.78 14.57
N ALA A 128 -11.68 -1.55 13.27
CA ALA A 128 -11.33 -0.22 12.78
C ALA A 128 -12.49 0.74 12.97
N GLY A 129 -13.72 0.21 12.91
CA GLY A 129 -14.91 1.03 13.08
C GLY A 129 -15.21 1.36 14.53
N ALA A 130 -14.40 0.83 15.46
CA ALA A 130 -14.51 1.18 16.87
C ALA A 130 -13.42 2.19 17.25
N ASP A 131 -12.65 2.63 16.25
CA ASP A 131 -11.57 3.58 16.46
C ASP A 131 -12.08 4.98 16.12
N GLU A 132 -11.95 5.90 17.08
CA GLU A 132 -12.57 7.22 16.99
C GLU A 132 -11.93 8.05 15.89
N LYS A 133 -10.64 7.82 15.60
CA LYS A 133 -9.95 8.55 14.54
C LYS A 133 -10.39 8.05 13.16
N VAL A 134 -10.76 6.77 13.05
CA VAL A 134 -11.26 6.22 11.80
C VAL A 134 -12.69 6.70 11.59
N ARG A 135 -13.52 6.55 12.63
CA ARG A 135 -14.93 6.92 12.60
C ARG A 135 -15.07 8.40 12.22
N ALA A 136 -14.09 9.21 12.61
CA ALA A 136 -14.12 10.64 12.35
C ALA A 136 -13.80 10.96 10.89
N ALA A 137 -13.18 10.02 10.16
CA ALA A 137 -12.72 10.28 8.80
C ALA A 137 -13.66 9.72 7.74
N LEU A 138 -14.56 8.78 8.11
CA LEU A 138 -15.47 8.18 7.16
C LEU A 138 -16.90 8.66 7.40
N PRO A 139 -17.75 8.67 6.33
CA PRO A 139 -19.15 9.05 6.47
C PRO A 139 -19.93 8.02 7.27
N ALA A 140 -20.98 8.48 7.97
CA ALA A 140 -21.82 7.63 8.78
C ALA A 140 -23.28 8.08 8.66
N PRO A 141 -23.90 7.98 7.45
CA PRO A 141 -25.27 8.43 7.25
C PRO A 141 -26.27 7.67 8.14
N GLN A 142 -27.33 8.35 8.55
CA GLN A 142 -28.37 7.77 9.40
C GLN A 142 -29.62 7.49 8.57
N GLY A 143 -30.43 6.56 9.08
CA GLY A 143 -31.60 6.05 8.36
C GLY A 143 -31.28 5.70 6.90
N ARG A 144 -30.14 5.03 6.69
CA ARG A 144 -29.67 4.72 5.34
C ARG A 144 -30.58 3.67 4.72
N TRP A 145 -31.20 2.83 5.55
CA TRP A 145 -32.07 1.76 5.07
C TRP A 145 -33.44 2.33 4.69
N ARG A 146 -33.97 3.19 5.55
CA ARG A 146 -35.19 3.94 5.26
C ARG A 146 -34.99 4.74 3.98
N GLN A 147 -33.84 5.42 3.84
CA GLN A 147 -33.55 6.26 2.70
C GLN A 147 -33.30 5.42 1.45
N PHE A 148 -32.61 4.28 1.62
CA PHE A 148 -32.29 3.41 0.49
C PHE A 148 -33.59 2.88 -0.15
N ALA A 149 -34.57 2.53 0.69
CA ALA A 149 -35.85 2.01 0.20
C ALA A 149 -36.56 3.08 -0.63
N ALA A 150 -36.44 4.34 -0.19
CA ALA A 150 -37.03 5.48 -0.88
C ALA A 150 -36.38 5.67 -2.24
N ASP A 151 -35.07 5.40 -2.31
CA ASP A 151 -34.30 5.60 -3.53
C ASP A 151 -34.59 4.49 -4.53
N VAL A 152 -34.85 3.27 -4.04
CA VAL A 152 -35.20 2.16 -4.93
C VAL A 152 -36.55 2.46 -5.57
N ARG A 153 -37.55 2.81 -4.74
CA ARG A 153 -38.90 3.10 -5.20
C ARG A 153 -38.89 4.23 -6.24
N ALA A 154 -38.08 5.27 -5.98
CA ALA A 154 -38.01 6.42 -6.87
C ALA A 154 -37.30 6.08 -8.17
N GLU A 155 -36.14 5.40 -8.09
CA GLU A 155 -35.22 5.33 -9.21
C GLU A 155 -35.28 4.00 -9.94
N LEU A 156 -35.80 2.95 -9.30
CA LEU A 156 -35.77 1.62 -9.89
C LEU A 156 -37.16 1.10 -10.23
N PHE A 157 -38.19 1.44 -9.45
CA PHE A 157 -39.53 0.95 -9.73
C PHE A 157 -39.95 1.34 -11.15
N PRO A 158 -39.75 2.60 -11.58
CA PRO A 158 -40.00 2.98 -12.98
C PRO A 158 -39.41 2.06 -14.06
N LEU A 159 -38.42 1.23 -13.70
CA LEU A 159 -37.79 0.32 -14.64
C LEU A 159 -38.29 -1.11 -14.46
N MET A 160 -39.21 -1.32 -13.51
CA MET A 160 -39.62 -2.67 -13.13
C MET A 160 -41.03 -2.94 -13.64
N SER A 161 -41.38 -4.23 -13.70
CA SER A 161 -42.76 -4.65 -13.88
C SER A 161 -43.50 -4.52 -12.55
N ASP A 162 -44.84 -4.65 -12.59
CA ASP A 162 -45.66 -4.64 -11.39
C ASP A 162 -45.22 -5.79 -10.49
N GLY A 163 -45.00 -6.97 -11.09
CA GLY A 163 -44.53 -8.14 -10.37
C GLY A 163 -43.22 -7.86 -9.63
N GLY A 164 -42.24 -7.30 -10.36
CA GLY A 164 -40.97 -6.90 -9.79
C GLY A 164 -41.13 -5.90 -8.65
N CYS A 165 -42.08 -4.97 -8.80
CA CYS A 165 -42.33 -3.96 -7.78
C CYS A 165 -42.88 -4.59 -6.50
N ARG A 166 -43.74 -5.62 -6.63
CA ARG A 166 -44.31 -6.27 -5.46
C ARG A 166 -43.22 -7.09 -4.76
N GLN A 167 -42.37 -7.75 -5.55
CA GLN A 167 -41.21 -8.47 -5.02
C GLN A 167 -40.31 -7.53 -4.24
N ALA A 168 -40.00 -6.36 -4.83
CA ALA A 168 -39.12 -5.40 -4.20
C ALA A 168 -39.75 -4.88 -2.91
N GLU A 169 -41.07 -4.73 -2.90
CA GLU A 169 -41.77 -4.13 -1.78
C GLU A 169 -41.62 -5.01 -0.53
N ARG A 170 -41.79 -6.32 -0.69
CA ARG A 170 -41.67 -7.22 0.44
C ARG A 170 -40.24 -7.11 0.99
N GLU A 171 -39.26 -7.00 0.08
CA GLU A 171 -37.86 -6.96 0.47
C GLU A 171 -37.53 -5.65 1.17
N LEU A 172 -38.14 -4.55 0.71
CA LEU A 172 -37.93 -3.26 1.36
C LEU A 172 -38.68 -3.18 2.69
N ALA A 173 -39.65 -4.08 2.93
CA ALA A 173 -40.56 -3.97 4.06
C ALA A 173 -39.79 -4.12 5.39
N ALA A 174 -38.89 -5.11 5.43
CA ALA A 174 -38.17 -5.43 6.65
C ALA A 174 -37.16 -4.33 7.01
N LEU A 175 -36.78 -3.49 6.03
CA LEU A 175 -35.71 -2.53 6.22
C LEU A 175 -36.03 -1.53 7.33
N ASP A 176 -37.24 -1.00 7.35
CA ASP A 176 -37.62 0.01 8.34
C ASP A 176 -37.45 -0.53 9.75
N SER A 177 -37.48 -1.85 9.91
CA SER A 177 -37.33 -2.49 11.22
C SER A 177 -35.87 -2.72 11.59
N LEU A 178 -34.94 -2.69 10.62
CA LEU A 178 -33.53 -2.96 10.91
C LEU A 178 -33.03 -2.00 11.97
N PRO A 179 -32.30 -2.48 13.01
CA PRO A 179 -31.49 -1.58 13.84
C PRO A 179 -30.52 -0.82 12.94
N ASP A 180 -30.28 0.46 13.27
CA ASP A 180 -29.34 1.30 12.54
C ASP A 180 -27.97 1.24 13.22
N ILE A 181 -27.12 0.34 12.71
CA ILE A 181 -25.85 0.00 13.33
C ILE A 181 -24.72 0.76 12.63
N THR A 182 -23.91 1.47 13.42
CA THR A 182 -22.75 2.17 12.93
C THR A 182 -21.52 1.78 13.76
N GLU A 183 -21.09 0.52 13.60
CA GLU A 183 -20.08 -0.06 14.48
C GLU A 183 -18.81 -0.45 13.72
N ALA A 184 -18.93 -0.76 12.43
CA ALA A 184 -17.81 -1.31 11.66
C ALA A 184 -17.47 -0.38 10.50
N VAL A 185 -16.23 -0.49 10.01
CA VAL A 185 -15.92 0.00 8.68
C VAL A 185 -16.56 -0.99 7.71
N VAL A 186 -17.37 -0.47 6.77
CA VAL A 186 -18.17 -1.30 5.89
C VAL A 186 -17.87 -0.87 4.45
N HIS A 187 -17.34 -1.81 3.67
CA HIS A 187 -16.95 -1.54 2.29
C HIS A 187 -18.18 -1.10 1.50
N GLY A 188 -19.28 -1.83 1.66
CA GLY A 188 -20.55 -1.43 1.11
C GLY A 188 -20.86 -2.04 -0.25
N ASN A 189 -19.89 -2.71 -0.87
CA ASN A 189 -20.16 -3.36 -2.15
C ASN A 189 -19.16 -4.50 -2.31
N LEU A 190 -19.11 -5.37 -1.30
CA LEU A 190 -18.09 -6.40 -1.17
C LEU A 190 -18.54 -7.68 -1.86
N GLY A 191 -18.94 -7.59 -3.14
CA GLY A 191 -19.13 -8.76 -3.97
C GLY A 191 -17.80 -9.31 -4.47
N ALA A 192 -17.84 -10.52 -5.05
CA ALA A 192 -16.64 -11.28 -5.39
C ALA A 192 -15.71 -10.50 -6.31
N GLU A 193 -16.28 -9.62 -7.16
CA GLU A 193 -15.48 -8.94 -8.16
C GLU A 193 -14.57 -7.89 -7.51
N ASN A 194 -14.81 -7.55 -6.24
CA ASN A 194 -13.97 -6.57 -5.58
C ASN A 194 -12.98 -7.20 -4.62
N VAL A 195 -12.97 -8.54 -4.56
CA VAL A 195 -12.07 -9.24 -3.68
C VAL A 195 -11.11 -10.04 -4.56
N LEU A 196 -9.84 -9.67 -4.49
CA LEU A 196 -8.85 -10.12 -5.47
C LEU A 196 -7.90 -11.10 -4.80
N TRP A 197 -7.62 -12.20 -5.51
CA TRP A 197 -6.85 -13.32 -5.00
C TRP A 197 -5.67 -13.58 -5.93
N VAL A 198 -4.55 -14.00 -5.35
CA VAL A 198 -3.51 -14.67 -6.11
C VAL A 198 -3.62 -16.17 -5.84
N ARG A 199 -4.10 -16.92 -6.83
CA ARG A 199 -4.09 -18.38 -6.75
C ARG A 199 -2.98 -18.90 -7.65
N ASP A 200 -1.84 -18.21 -7.60
CA ASP A 200 -0.68 -18.55 -8.41
C ASP A 200 -0.08 -19.83 -7.82
N ASP A 201 0.78 -19.65 -6.82
CA ASP A 201 1.25 -20.74 -5.99
C ASP A 201 0.15 -21.09 -4.98
N GLY A 202 -0.28 -22.35 -4.99
CA GLY A 202 -1.00 -22.95 -3.87
C GLY A 202 -2.48 -22.57 -3.80
N LEU A 203 -3.01 -22.53 -2.57
CA LEU A 203 -4.41 -22.26 -2.33
C LEU A 203 -4.67 -20.77 -2.47
N PRO A 204 -5.93 -20.34 -2.75
CA PRO A 204 -6.24 -18.91 -2.89
C PRO A 204 -5.75 -18.12 -1.68
N ARG A 205 -5.01 -17.04 -1.96
CA ARG A 205 -4.47 -16.16 -0.95
C ARG A 205 -4.97 -14.75 -1.27
N LEU A 206 -5.55 -14.08 -0.28
CA LEU A 206 -6.19 -12.79 -0.52
C LEU A 206 -5.12 -11.75 -0.85
N SER A 207 -5.23 -11.17 -2.06
CA SER A 207 -4.35 -10.09 -2.47
C SER A 207 -4.81 -8.76 -1.86
N GLY A 208 -6.08 -8.42 -2.11
CA GLY A 208 -6.62 -7.17 -1.59
C GLY A 208 -8.06 -6.95 -2.03
N VAL A 209 -8.53 -5.72 -1.80
CA VAL A 209 -9.92 -5.34 -2.00
C VAL A 209 -9.96 -3.98 -2.69
N ILE A 210 -10.82 -3.86 -3.72
CA ILE A 210 -10.95 -2.66 -4.52
C ILE A 210 -12.36 -2.09 -4.43
N ASP A 211 -12.55 -0.92 -5.06
CA ASP A 211 -13.84 -0.26 -5.24
C ASP A 211 -14.46 0.07 -3.89
N TRP A 212 -13.87 1.05 -3.21
CA TRP A 212 -14.31 1.47 -1.89
C TRP A 212 -15.25 2.67 -1.95
N ASP A 213 -15.89 2.88 -3.11
CA ASP A 213 -16.72 4.06 -3.36
C ASP A 213 -17.78 4.26 -2.28
N GLU A 214 -18.34 3.16 -1.77
CA GLU A 214 -19.50 3.23 -0.89
C GLU A 214 -19.09 3.07 0.58
N VAL A 215 -17.78 3.10 0.87
CA VAL A 215 -17.28 2.85 2.20
C VAL A 215 -17.95 3.78 3.20
N SER A 216 -18.17 3.26 4.42
CA SER A 216 -18.74 4.04 5.50
C SER A 216 -18.46 3.35 6.83
N ILE A 217 -18.79 4.05 7.91
CA ILE A 217 -19.07 3.42 9.19
C ILE A 217 -20.53 2.98 9.16
N GLY A 218 -20.77 1.67 9.25
CA GLY A 218 -22.11 1.15 9.26
C GLY A 218 -22.20 -0.20 9.95
N ASP A 219 -23.00 -1.08 9.34
CA ASP A 219 -23.40 -2.35 9.89
C ASP A 219 -22.61 -3.44 9.20
N PRO A 220 -21.79 -4.25 9.90
CA PRO A 220 -21.02 -5.31 9.24
C PRO A 220 -21.88 -6.33 8.48
N ALA A 221 -23.18 -6.39 8.81
CA ALA A 221 -24.10 -7.32 8.16
C ALA A 221 -24.25 -6.98 6.68
N GLU A 222 -23.98 -5.72 6.32
CA GLU A 222 -24.00 -5.27 4.93
C GLU A 222 -22.96 -6.01 4.10
N ASP A 223 -21.77 -6.25 4.67
CA ASP A 223 -20.67 -6.89 3.94
C ASP A 223 -20.85 -8.41 3.99
N LEU A 224 -21.36 -8.93 5.09
CA LEU A 224 -21.59 -10.35 5.19
C LEU A 224 -22.73 -10.73 4.24
N ALA A 225 -23.72 -9.84 4.07
CA ALA A 225 -24.81 -10.03 3.13
C ALA A 225 -24.30 -10.19 1.70
N ALA A 226 -23.34 -9.34 1.32
CA ALA A 226 -22.77 -9.37 -0.02
C ALA A 226 -22.13 -10.72 -0.31
N ILE A 227 -21.44 -11.26 0.70
CA ILE A 227 -20.75 -12.53 0.59
C ILE A 227 -21.79 -13.64 0.47
N GLY A 228 -22.81 -13.56 1.33
CA GLY A 228 -23.97 -14.43 1.27
C GLY A 228 -24.62 -14.43 -0.13
N ALA A 229 -24.81 -13.24 -0.71
CA ALA A 229 -25.46 -13.10 -2.00
C ALA A 229 -24.64 -13.80 -3.09
N GLY A 230 -23.32 -13.59 -3.07
CA GLY A 230 -22.44 -14.12 -4.10
C GLY A 230 -22.11 -15.59 -3.92
N TYR A 231 -21.97 -16.07 -2.67
CA TYR A 231 -21.40 -17.39 -2.46
C TYR A 231 -22.36 -18.36 -1.77
N GLY A 232 -23.53 -17.88 -1.31
CA GLY A 232 -24.52 -18.78 -0.75
C GLY A 232 -24.30 -19.04 0.75
N LYS A 233 -25.13 -19.95 1.28
CA LYS A 233 -25.48 -20.00 2.69
C LYS A 233 -24.38 -20.71 3.48
N ASP A 234 -23.92 -21.86 2.96
CA ASP A 234 -22.91 -22.66 3.62
C ASP A 234 -21.63 -21.85 3.81
N PHE A 235 -21.14 -21.24 2.72
CA PHE A 235 -19.91 -20.47 2.81
C PHE A 235 -20.08 -19.32 3.80
N LEU A 236 -21.24 -18.67 3.78
CA LEU A 236 -21.48 -17.56 4.70
C LEU A 236 -21.37 -18.06 6.13
N ASP A 237 -22.08 -19.16 6.42
CA ASP A 237 -22.16 -19.74 7.76
C ASP A 237 -20.76 -20.04 8.30
N GLN A 238 -19.91 -20.52 7.40
CA GLN A 238 -18.53 -20.84 7.72
C GLN A 238 -17.76 -19.57 8.08
N VAL A 239 -18.04 -18.45 7.40
CA VAL A 239 -17.41 -17.18 7.74
C VAL A 239 -17.91 -16.71 9.11
N LEU A 240 -19.21 -16.89 9.38
CA LEU A 240 -19.82 -16.39 10.60
C LEU A 240 -19.26 -17.17 11.80
N THR A 241 -19.18 -18.49 11.66
CA THR A 241 -18.60 -19.33 12.69
C THR A 241 -17.17 -18.88 12.99
N LEU A 242 -16.31 -18.90 11.95
CA LEU A 242 -14.90 -18.58 12.11
C LEU A 242 -14.70 -17.18 12.69
N GLY A 243 -15.57 -16.23 12.33
CA GLY A 243 -15.48 -14.86 12.85
C GLY A 243 -16.23 -14.66 14.17
N GLY A 244 -17.01 -15.66 14.60
CA GLY A 244 -17.83 -15.54 15.80
C GLY A 244 -18.99 -14.56 15.63
N TRP A 245 -19.68 -14.63 14.48
CA TRP A 245 -20.77 -13.72 14.18
C TRP A 245 -22.03 -14.52 13.82
N SER A 246 -22.13 -15.75 14.32
CA SER A 246 -23.21 -16.64 13.90
C SER A 246 -24.43 -16.52 14.83
N ASP A 247 -24.53 -15.43 15.61
CA ASP A 247 -25.66 -15.21 16.49
C ASP A 247 -26.92 -14.89 15.66
N ARG A 248 -28.07 -14.98 16.32
CA ARG A 248 -29.36 -14.91 15.65
C ARG A 248 -29.65 -13.48 15.20
N ARG A 249 -29.29 -12.51 16.05
CA ARG A 249 -29.47 -11.09 15.72
C ARG A 249 -28.73 -10.73 14.43
N MET A 250 -27.46 -11.12 14.35
CA MET A 250 -26.63 -10.80 13.20
C MET A 250 -27.19 -11.50 11.95
N ALA A 251 -27.51 -12.79 12.10
CA ALA A 251 -28.01 -13.62 11.01
C ALA A 251 -29.30 -13.05 10.44
N THR A 252 -30.17 -12.55 11.32
CA THR A 252 -31.44 -11.96 10.93
C THR A 252 -31.19 -10.73 10.07
N ARG A 253 -30.30 -9.85 10.54
CA ARG A 253 -29.98 -8.63 9.81
C ARG A 253 -29.40 -8.99 8.44
N ILE A 254 -28.44 -9.93 8.42
CA ILE A 254 -27.80 -10.35 7.19
C ILE A 254 -28.86 -10.77 6.18
N ALA A 255 -29.82 -11.60 6.61
CA ALA A 255 -30.82 -12.17 5.72
C ALA A 255 -31.70 -11.06 5.14
N THR A 256 -32.02 -10.06 5.97
CA THR A 256 -32.84 -8.94 5.54
C THR A 256 -32.10 -8.09 4.50
N ILE A 257 -30.84 -7.76 4.79
CA ILE A 257 -30.03 -6.94 3.88
C ILE A 257 -29.75 -7.73 2.60
N ARG A 258 -29.40 -9.01 2.76
CA ARG A 258 -29.03 -9.85 1.64
C ARG A 258 -30.15 -9.87 0.59
N ALA A 259 -31.41 -9.84 1.03
CA ALA A 259 -32.55 -9.87 0.14
C ALA A 259 -32.68 -8.59 -0.68
N THR A 260 -31.93 -7.54 -0.29
CA THR A 260 -31.95 -6.26 -0.99
C THR A 260 -30.71 -6.08 -1.88
N PHE A 261 -29.81 -7.07 -1.91
CA PHE A 261 -28.46 -6.83 -2.44
C PHE A 261 -28.49 -6.64 -3.95
N ALA A 262 -29.35 -7.38 -4.67
CA ALA A 262 -29.52 -7.20 -6.10
C ALA A 262 -30.00 -5.78 -6.40
N LEU A 263 -30.90 -5.27 -5.56
CA LEU A 263 -31.41 -3.91 -5.71
C LEU A 263 -30.30 -2.90 -5.45
N GLN A 264 -29.41 -3.18 -4.48
CA GLN A 264 -28.25 -2.34 -4.23
C GLN A 264 -27.39 -2.23 -5.48
N GLN A 265 -27.19 -3.36 -6.18
CA GLN A 265 -26.37 -3.37 -7.39
C GLN A 265 -27.09 -2.65 -8.52
N ALA A 266 -28.42 -2.82 -8.60
CA ALA A 266 -29.21 -2.16 -9.62
C ALA A 266 -29.21 -0.65 -9.42
N LEU A 267 -29.38 -0.19 -8.16
CA LEU A 267 -29.40 1.24 -7.88
C LEU A 267 -28.06 1.87 -8.25
N SER A 268 -26.96 1.16 -7.95
CA SER A 268 -25.62 1.59 -8.30
C SER A 268 -25.45 1.71 -9.81
N ALA A 269 -25.83 0.64 -10.53
CA ALA A 269 -25.68 0.58 -11.98
C ALA A 269 -26.52 1.67 -12.66
N CYS A 270 -27.68 1.97 -12.08
CA CYS A 270 -28.55 3.04 -12.55
C CYS A 270 -27.81 4.38 -12.47
N ARG A 271 -27.23 4.65 -11.29
CA ARG A 271 -26.60 5.93 -11.00
C ARG A 271 -25.30 6.13 -11.78
N ASP A 272 -24.59 5.04 -12.11
CA ASP A 272 -23.28 5.17 -12.74
C ASP A 272 -23.34 4.81 -14.23
N GLY A 273 -24.54 4.52 -14.74
CA GLY A 273 -24.76 4.41 -16.18
C GLY A 273 -24.28 3.08 -16.76
N ASP A 274 -24.03 2.09 -15.89
CA ASP A 274 -23.56 0.78 -16.32
C ASP A 274 -24.77 -0.09 -16.66
N GLU A 275 -24.94 -0.38 -17.95
CA GLU A 275 -26.20 -0.89 -18.48
C GLU A 275 -26.32 -2.40 -18.26
N GLU A 276 -25.20 -3.12 -18.41
CA GLU A 276 -25.17 -4.56 -18.22
C GLU A 276 -25.28 -4.91 -16.74
N GLU A 277 -24.72 -4.06 -15.87
CA GLU A 277 -24.81 -4.26 -14.44
C GLU A 277 -26.25 -3.99 -13.99
N LEU A 278 -26.91 -3.04 -14.66
CA LEU A 278 -28.28 -2.67 -14.34
C LEU A 278 -29.23 -3.79 -14.76
N ALA A 279 -28.94 -4.41 -15.92
CA ALA A 279 -29.77 -5.49 -16.42
C ALA A 279 -29.68 -6.69 -15.49
N ASP A 280 -28.45 -7.05 -15.09
CA ASP A 280 -28.20 -8.15 -14.18
C ASP A 280 -28.92 -7.91 -12.86
N GLY A 281 -28.70 -6.75 -12.25
CA GLY A 281 -29.29 -6.40 -10.97
C GLY A 281 -30.83 -6.45 -11.01
N LEU A 282 -31.41 -6.10 -12.16
CA LEU A 282 -32.86 -6.08 -12.31
C LEU A 282 -33.39 -7.43 -12.81
N THR A 283 -32.54 -8.47 -12.83
CA THR A 283 -32.99 -9.80 -13.20
C THR A 283 -34.10 -10.24 -12.24
N GLY A 284 -35.27 -10.53 -12.80
CA GLY A 284 -36.41 -11.00 -12.04
C GLY A 284 -37.28 -9.88 -11.47
N TYR A 285 -36.93 -8.62 -11.81
CA TYR A 285 -37.68 -7.48 -11.36
C TYR A 285 -38.41 -6.81 -12.53
N ARG A 286 -38.22 -7.33 -13.75
CA ARG A 286 -38.92 -6.83 -14.93
C ARG A 286 -39.09 -7.94 -15.96
N MET B 1 19.80 -29.05 6.70
CA MET B 1 18.31 -29.03 6.67
C MET B 1 17.84 -28.02 5.63
N GLY B 2 18.17 -26.74 5.86
CA GLY B 2 17.70 -25.65 5.00
C GLY B 2 16.72 -24.75 5.74
N ILE B 3 16.67 -23.46 5.36
CA ILE B 3 15.85 -22.47 6.05
C ILE B 3 14.37 -22.75 5.76
N LEU B 4 14.07 -23.20 4.53
CA LEU B 4 12.72 -23.49 4.08
C LEU B 4 12.15 -24.71 4.79
N GLN B 5 12.93 -25.81 4.87
CA GLN B 5 12.52 -26.97 5.64
C GLN B 5 12.32 -26.57 7.10
N ALA B 6 13.28 -25.81 7.64
CA ALA B 6 13.29 -25.48 9.06
C ALA B 6 12.01 -24.75 9.47
N ASN B 7 11.46 -23.92 8.58
CA ASN B 7 10.34 -23.04 8.95
C ASN B 7 9.04 -23.49 8.30
N ARG B 8 8.98 -24.79 7.95
CA ARG B 8 7.96 -25.29 7.04
C ARG B 8 6.57 -25.22 7.68
N VAL B 9 6.48 -25.36 9.01
CA VAL B 9 5.19 -25.30 9.69
C VAL B 9 4.57 -23.92 9.45
N LEU B 10 5.35 -22.88 9.75
CA LEU B 10 4.90 -21.51 9.62
C LEU B 10 4.53 -21.21 8.17
N LEU B 11 5.34 -21.72 7.24
CA LEU B 11 5.13 -21.43 5.82
C LEU B 11 3.86 -22.11 5.32
N SER B 12 3.52 -23.29 5.87
CA SER B 12 2.28 -23.96 5.48
C SER B 12 1.07 -23.17 6.00
N ARG B 13 1.23 -22.51 7.15
CA ARG B 13 0.19 -21.61 7.64
C ARG B 13 0.12 -20.36 6.77
N LEU B 14 1.25 -19.65 6.62
CA LEU B 14 1.26 -18.35 5.98
C LEU B 14 0.98 -18.46 4.48
N LEU B 15 1.47 -19.54 3.85
CA LEU B 15 1.37 -19.73 2.41
C LEU B 15 0.76 -21.11 2.14
N PRO B 16 -0.54 -21.31 2.44
CA PRO B 16 -1.15 -22.63 2.33
C PRO B 16 -1.07 -23.19 0.91
N GLY B 17 -0.54 -24.41 0.79
CA GLY B 17 -0.47 -25.12 -0.48
C GLY B 17 0.76 -24.73 -1.30
N VAL B 18 1.62 -23.85 -0.76
CA VAL B 18 2.78 -23.37 -1.50
C VAL B 18 3.96 -24.28 -1.20
N GLU B 19 4.56 -24.83 -2.26
CA GLU B 19 5.71 -25.72 -2.13
C GLU B 19 6.89 -24.92 -1.57
N PRO B 20 7.33 -25.18 -0.32
CA PRO B 20 8.41 -24.40 0.29
C PRO B 20 9.71 -24.43 -0.50
N GLU B 21 10.00 -25.56 -1.17
CA GLU B 21 11.24 -25.71 -1.90
C GLU B 21 11.22 -24.93 -3.21
N GLY B 22 10.10 -24.27 -3.52
CA GLY B 22 9.98 -23.41 -4.69
C GLY B 22 10.16 -21.92 -4.34
N LEU B 23 10.33 -21.60 -3.06
CA LEU B 23 10.55 -20.25 -2.59
C LEU B 23 12.04 -19.90 -2.63
N THR B 24 12.35 -18.62 -2.38
CA THR B 24 13.71 -18.12 -2.27
C THR B 24 13.88 -17.46 -0.90
N VAL B 25 15.13 -17.41 -0.41
CA VAL B 25 15.44 -16.74 0.84
C VAL B 25 16.61 -15.79 0.63
N ARG B 26 16.32 -14.49 0.67
CA ARG B 26 17.35 -13.45 0.73
C ARG B 26 17.70 -13.20 2.19
N HIS B 27 18.86 -12.57 2.41
CA HIS B 27 19.40 -12.34 3.74
C HIS B 27 19.42 -10.83 3.99
N GLY B 28 20.20 -10.41 5.00
CA GLY B 28 20.33 -9.00 5.34
C GLY B 28 21.20 -8.82 6.58
N GLN B 29 21.08 -7.67 7.23
CA GLN B 29 21.87 -7.37 8.42
C GLN B 29 21.22 -8.01 9.65
N PHE B 30 19.89 -8.13 9.65
CA PHE B 30 19.14 -8.56 10.83
C PHE B 30 18.11 -9.63 10.52
N HIS B 31 17.71 -9.81 9.25
CA HIS B 31 16.54 -10.61 8.94
C HIS B 31 16.80 -11.57 7.78
N GLN B 32 16.30 -12.80 7.94
CA GLN B 32 16.08 -13.72 6.83
C GLN B 32 14.69 -13.47 6.26
N VAL B 33 14.59 -13.34 4.93
CA VAL B 33 13.33 -13.00 4.29
C VAL B 33 12.99 -14.07 3.26
N VAL B 34 11.84 -14.74 3.46
CA VAL B 34 11.36 -15.74 2.50
C VAL B 34 10.53 -15.01 1.45
N ILE B 35 10.84 -15.24 0.16
CA ILE B 35 10.20 -14.54 -0.94
C ILE B 35 9.15 -15.46 -1.56
N ALA B 36 7.88 -15.04 -1.47
CA ALA B 36 6.78 -15.66 -2.20
C ALA B 36 6.32 -14.72 -3.31
N SER B 37 5.37 -15.16 -4.13
CA SER B 37 4.97 -14.39 -5.32
C SER B 37 4.61 -12.94 -4.96
N ASP B 38 3.76 -12.74 -3.94
CA ASP B 38 3.17 -11.42 -3.71
C ASP B 38 3.47 -10.91 -2.32
N ARG B 39 4.36 -11.60 -1.57
CA ARG B 39 4.66 -11.17 -0.21
C ARG B 39 5.92 -11.87 0.27
N VAL B 40 6.45 -11.38 1.39
CA VAL B 40 7.66 -11.93 1.99
C VAL B 40 7.36 -12.19 3.46
N VAL B 41 8.12 -13.13 4.05
CA VAL B 41 8.04 -13.40 5.47
C VAL B 41 9.38 -13.04 6.09
N CYS B 42 9.36 -12.08 7.01
CA CYS B 42 10.56 -11.67 7.71
C CYS B 42 10.72 -12.53 8.95
N LEU B 43 11.85 -13.22 9.02
CA LEU B 43 12.24 -13.98 10.19
C LEU B 43 13.51 -13.36 10.77
N PRO B 44 13.61 -13.23 12.11
CA PRO B 44 14.83 -12.73 12.75
C PRO B 44 15.86 -13.82 13.01
N ARG B 45 17.14 -13.50 12.80
CA ARG B 45 18.23 -14.41 13.14
C ARG B 45 18.64 -14.21 14.60
N THR B 46 19.13 -13.00 14.92
CA THR B 46 19.61 -12.69 16.26
C THR B 46 18.43 -12.66 17.23
N ALA B 47 18.72 -12.92 18.52
CA ALA B 47 17.71 -12.83 19.57
C ALA B 47 17.26 -11.38 19.75
N ALA B 48 18.14 -10.43 19.42
CA ALA B 48 17.84 -9.01 19.48
C ALA B 48 16.85 -8.62 18.39
N ALA B 49 17.05 -9.17 17.18
CA ALA B 49 16.20 -8.90 16.04
C ALA B 49 14.81 -9.51 16.24
N ALA B 50 14.71 -10.57 17.05
CA ALA B 50 13.43 -11.16 17.38
C ALA B 50 12.63 -10.22 18.28
N ALA B 51 13.34 -9.52 19.16
CA ALA B 51 12.72 -8.65 20.15
C ALA B 51 12.28 -7.33 19.52
N ARG B 52 12.98 -6.92 18.45
CA ARG B 52 12.77 -5.60 17.87
C ARG B 52 11.75 -5.66 16.73
N LEU B 53 11.27 -6.86 16.39
CA LEU B 53 10.41 -7.07 15.24
C LEU B 53 9.03 -6.45 15.45
N PRO B 54 8.43 -6.47 16.66
CA PRO B 54 7.22 -5.70 16.92
C PRO B 54 7.33 -4.21 16.59
N ARG B 55 8.45 -3.59 16.96
CA ARG B 55 8.66 -2.18 16.71
C ARG B 55 8.69 -1.91 15.21
N ARG B 56 9.39 -2.77 14.46
CA ARG B 56 9.56 -2.59 13.02
C ARG B 56 8.20 -2.75 12.33
N ALA B 57 7.35 -3.65 12.82
CA ALA B 57 6.04 -3.85 12.23
C ALA B 57 5.18 -2.59 12.39
N ALA B 58 5.23 -1.99 13.58
CA ALA B 58 4.54 -0.75 13.86
C ALA B 58 5.08 0.38 12.98
N VAL B 59 6.39 0.34 12.69
CA VAL B 59 7.02 1.34 11.83
C VAL B 59 6.54 1.18 10.40
N MET B 60 6.42 -0.08 9.94
CA MET B 60 6.01 -0.34 8.56
C MET B 60 4.54 -0.02 8.40
N ARG B 61 3.78 -0.10 9.49
CA ARG B 61 2.38 0.30 9.51
C ARG B 61 2.27 1.79 9.24
N VAL B 62 3.10 2.59 9.94
CA VAL B 62 3.14 4.03 9.78
C VAL B 62 3.57 4.38 8.35
N LEU B 63 4.61 3.71 7.84
CA LEU B 63 5.10 3.99 6.49
C LEU B 63 4.04 3.66 5.45
N ALA B 64 3.22 2.64 5.69
CA ALA B 64 2.18 2.22 4.76
C ALA B 64 1.02 3.23 4.76
N GLY B 65 1.03 4.18 5.71
CA GLY B 65 0.00 5.19 5.81
C GLY B 65 0.37 6.52 5.12
N LEU B 66 1.67 6.77 4.91
CA LEU B 66 2.14 8.04 4.38
C LEU B 66 1.85 8.14 2.89
N ASP B 67 1.85 9.38 2.38
CA ASP B 67 1.66 9.67 0.97
C ASP B 67 3.02 9.94 0.32
N LEU B 68 3.60 8.91 -0.29
CA LEU B 68 4.92 8.98 -0.89
C LEU B 68 4.83 8.89 -2.41
N GLY B 69 3.61 8.71 -2.95
CA GLY B 69 3.42 8.60 -4.39
C GLY B 69 3.81 7.23 -4.93
N CYS B 70 4.02 6.26 -4.03
CA CYS B 70 4.39 4.92 -4.43
C CYS B 70 4.02 3.94 -3.33
N ARG B 71 4.19 2.64 -3.62
CA ARG B 71 3.92 1.58 -2.67
C ARG B 71 5.08 1.45 -1.67
N THR B 72 4.76 0.91 -0.50
CA THR B 72 5.76 0.42 0.45
C THR B 72 5.31 -0.98 0.88
N PRO B 73 6.17 -1.79 1.53
CA PRO B 73 5.76 -3.11 2.00
C PRO B 73 4.75 -3.00 3.14
N ARG B 74 3.50 -3.40 2.86
CA ARG B 74 2.43 -3.32 3.84
C ARG B 74 2.45 -4.55 4.75
N PRO B 75 2.45 -4.38 6.09
CA PRO B 75 2.31 -5.50 7.02
C PRO B 75 0.96 -6.20 6.83
N LEU B 76 1.02 -7.51 6.55
CA LEU B 76 -0.17 -8.32 6.33
C LEU B 76 -0.46 -9.17 7.57
N CYS B 77 0.56 -9.45 8.38
CA CYS B 77 0.44 -10.47 9.42
C CYS B 77 1.69 -10.48 10.29
N GLU B 78 1.50 -10.43 11.61
CA GLU B 78 2.60 -10.58 12.57
C GLU B 78 2.25 -11.68 13.57
N GLY B 79 3.28 -12.33 14.14
CA GLY B 79 3.05 -13.37 15.12
C GLY B 79 4.31 -13.77 15.89
N SER B 80 4.19 -14.90 16.61
CA SER B 80 5.27 -15.49 17.38
C SER B 80 5.22 -17.02 17.23
N LEU B 87 9.31 -18.31 17.58
CA LEU B 87 10.00 -17.40 16.64
C LEU B 87 9.01 -16.36 16.11
N PRO B 88 9.25 -15.05 16.34
CA PRO B 88 8.44 -13.99 15.73
C PRO B 88 8.56 -13.95 14.21
N PHE B 89 7.49 -13.53 13.53
CA PHE B 89 7.52 -13.35 12.09
C PHE B 89 6.71 -12.11 11.73
N LEU B 90 7.04 -11.53 10.56
CA LEU B 90 6.33 -10.39 10.02
C LEU B 90 6.16 -10.60 8.52
N VAL B 91 4.90 -10.67 8.06
CA VAL B 91 4.61 -10.82 6.64
C VAL B 91 4.37 -9.42 6.07
N LEU B 92 5.05 -9.12 4.96
CA LEU B 92 4.95 -7.84 4.27
C LEU B 92 4.57 -8.09 2.81
N SER B 93 3.85 -7.15 2.20
CA SER B 93 3.57 -7.20 0.77
C SER B 93 4.87 -7.09 -0.01
N ARG B 94 4.92 -7.75 -1.17
CA ARG B 94 6.01 -7.58 -2.11
C ARG B 94 5.67 -6.46 -3.07
N VAL B 95 6.42 -5.36 -2.96
CA VAL B 95 6.40 -4.31 -3.95
C VAL B 95 6.86 -4.89 -5.29
N PRO B 96 6.04 -4.78 -6.36
CA PRO B 96 6.45 -5.27 -7.68
C PRO B 96 7.45 -4.34 -8.36
N GLY B 97 8.12 -4.86 -9.38
CA GLY B 97 9.02 -4.08 -10.21
C GLY B 97 10.48 -4.42 -9.93
N ALA B 98 11.38 -3.77 -10.68
CA ALA B 98 12.81 -4.01 -10.58
C ALA B 98 13.56 -2.68 -10.52
N PRO B 99 14.84 -2.68 -10.09
CA PRO B 99 15.65 -1.47 -10.11
C PRO B 99 15.77 -0.92 -11.54
N LEU B 100 16.08 0.37 -11.64
CA LEU B 100 16.32 0.99 -12.93
C LEU B 100 17.83 1.03 -13.17
N GLU B 101 18.26 0.49 -14.33
CA GLU B 101 19.66 0.56 -14.72
C GLU B 101 19.97 2.02 -15.05
N ALA B 102 21.18 2.47 -14.72
CA ALA B 102 21.61 3.85 -14.96
C ALA B 102 21.61 4.16 -16.46
N ASP B 103 21.77 3.12 -17.29
CA ASP B 103 21.75 3.25 -18.73
C ASP B 103 20.40 3.80 -19.24
N ALA B 104 19.34 3.65 -18.44
CA ALA B 104 18.03 4.16 -18.81
C ALA B 104 18.04 5.69 -18.79
N LEU B 105 18.84 6.27 -17.89
CA LEU B 105 18.88 7.71 -17.70
C LEU B 105 19.61 8.41 -18.85
N GLU B 106 20.12 7.63 -19.81
CA GLU B 106 20.74 8.18 -21.01
C GLU B 106 19.69 8.86 -21.87
N ASP B 107 18.45 8.33 -21.84
CA ASP B 107 17.31 8.97 -22.47
C ASP B 107 16.80 10.07 -21.55
N SER B 108 16.69 11.30 -22.07
CA SER B 108 16.44 12.47 -21.24
C SER B 108 14.96 12.58 -20.86
N LYS B 109 14.07 11.97 -21.65
CA LYS B 109 12.65 11.98 -21.31
C LYS B 109 12.40 10.97 -20.19
N VAL B 110 13.18 9.88 -20.17
CA VAL B 110 13.16 8.93 -19.07
C VAL B 110 13.72 9.61 -17.81
N ALA B 111 14.81 10.37 -17.97
CA ALA B 111 15.49 11.00 -16.86
C ALA B 111 14.59 12.03 -16.17
N GLU B 112 13.80 12.76 -16.95
CA GLU B 112 12.92 13.78 -16.40
C GLU B 112 11.84 13.13 -15.54
N VAL B 113 11.26 12.04 -16.07
CA VAL B 113 10.16 11.35 -15.43
C VAL B 113 10.65 10.70 -14.12
N VAL B 114 11.85 10.13 -14.16
CA VAL B 114 12.43 9.47 -13.00
C VAL B 114 12.75 10.51 -11.94
N ALA B 115 13.41 11.60 -12.36
CA ALA B 115 13.72 12.69 -11.45
C ALA B 115 12.44 13.22 -10.80
N ALA B 116 11.39 13.41 -11.61
CA ALA B 116 10.11 13.89 -11.09
C ALA B 116 9.60 12.96 -10.00
N GLN B 117 9.58 11.66 -10.27
CA GLN B 117 9.04 10.69 -9.32
C GLN B 117 9.90 10.62 -8.05
N TYR B 118 11.22 10.78 -8.17
CA TYR B 118 12.09 10.85 -7.00
C TYR B 118 11.74 12.06 -6.14
N VAL B 119 11.47 13.20 -6.77
CA VAL B 119 11.11 14.43 -6.06
C VAL B 119 9.86 14.17 -5.23
N THR B 120 8.84 13.57 -5.84
CA THR B 120 7.60 13.26 -5.14
C THR B 120 7.89 12.41 -3.90
N LEU B 121 8.69 11.36 -4.07
CA LEU B 121 9.05 10.47 -2.97
C LEU B 121 9.70 11.26 -1.83
N LEU B 122 10.67 12.11 -2.17
CA LEU B 122 11.47 12.80 -1.18
C LEU B 122 10.65 13.91 -0.51
N SER B 123 9.75 14.54 -1.28
CA SER B 123 8.80 15.49 -0.73
C SER B 123 7.92 14.81 0.31
N GLY B 124 7.33 13.67 -0.08
CA GLY B 124 6.51 12.90 0.84
C GLY B 124 7.25 12.58 2.13
N LEU B 125 8.49 12.11 1.97
CA LEU B 125 9.35 11.79 3.10
C LEU B 125 9.61 13.04 3.94
N ALA B 126 9.93 14.16 3.27
CA ALA B 126 10.17 15.43 3.95
C ALA B 126 8.94 15.85 4.77
N SER B 127 7.79 15.93 4.10
CA SER B 127 6.54 16.32 4.73
C SER B 127 6.27 15.49 5.98
N ALA B 128 6.46 14.17 5.86
CA ALA B 128 6.12 13.23 6.92
C ALA B 128 6.92 13.51 8.19
N GLY B 129 8.16 14.00 8.02
CA GLY B 129 9.01 14.35 9.14
C GLY B 129 8.37 15.36 10.10
N ALA B 130 7.52 16.25 9.55
CA ALA B 130 6.85 17.26 10.34
C ALA B 130 5.70 16.67 11.15
N ASP B 131 5.13 15.55 10.69
CA ASP B 131 4.01 14.92 11.37
C ASP B 131 4.51 14.25 12.64
N GLU B 132 3.97 14.69 13.80
CA GLU B 132 4.43 14.26 15.11
C GLU B 132 4.17 12.77 15.32
N LYS B 133 3.04 12.28 14.77
CA LYS B 133 2.72 10.87 14.82
C LYS B 133 3.90 10.06 14.29
N VAL B 134 4.45 10.47 13.15
CA VAL B 134 5.57 9.80 12.51
C VAL B 134 6.81 9.94 13.38
N ARG B 135 7.06 11.15 13.89
CA ARG B 135 8.24 11.43 14.70
C ARG B 135 8.29 10.51 15.92
N ALA B 136 7.12 10.24 16.50
CA ALA B 136 7.05 9.41 17.70
C ALA B 136 7.42 7.97 17.37
N ALA B 137 6.84 7.43 16.30
CA ALA B 137 6.97 6.01 15.98
C ALA B 137 8.32 5.71 15.33
N LEU B 138 9.09 6.73 14.96
CA LEU B 138 10.35 6.52 14.26
C LEU B 138 11.52 6.93 15.14
N PRO B 139 12.69 6.26 15.00
CA PRO B 139 13.89 6.66 15.74
C PRO B 139 14.41 8.02 15.29
N ALA B 140 14.83 8.85 16.26
CA ALA B 140 15.49 10.11 15.97
C ALA B 140 16.78 10.19 16.77
N PRO B 141 17.82 9.39 16.42
CA PRO B 141 19.07 9.37 17.16
C PRO B 141 19.90 10.64 16.93
N GLN B 142 20.22 11.34 18.02
CA GLN B 142 20.94 12.60 17.95
C GLN B 142 22.43 12.32 17.77
N GLY B 143 23.13 13.24 17.09
CA GLY B 143 24.56 13.13 16.85
C GLY B 143 24.98 11.73 16.41
N ARG B 144 24.22 11.16 15.46
CA ARG B 144 24.51 9.85 14.91
C ARG B 144 25.87 9.85 14.21
N TRP B 145 26.19 10.96 13.53
CA TRP B 145 27.38 11.06 12.71
C TRP B 145 28.64 11.03 13.56
N ARG B 146 28.53 11.37 14.84
CA ARG B 146 29.68 11.48 15.70
C ARG B 146 30.04 10.10 16.25
N GLN B 147 29.01 9.32 16.63
CA GLN B 147 29.17 7.94 17.04
C GLN B 147 29.85 7.15 15.92
N PHE B 148 29.41 7.38 14.68
CA PHE B 148 29.98 6.78 13.49
C PHE B 148 31.48 7.04 13.43
N ALA B 149 31.87 8.31 13.62
CA ALA B 149 33.26 8.74 13.52
C ALA B 149 34.15 8.02 14.53
N ALA B 150 33.60 7.76 15.73
CA ALA B 150 34.32 7.06 16.78
C ALA B 150 34.50 5.58 16.41
N ASP B 151 33.50 5.00 15.74
CA ASP B 151 33.60 3.61 15.32
C ASP B 151 34.67 3.48 14.22
N VAL B 152 34.71 4.47 13.32
CA VAL B 152 35.68 4.50 12.23
C VAL B 152 37.10 4.55 12.83
N ARG B 153 37.34 5.47 13.76
CA ARG B 153 38.64 5.62 14.40
C ARG B 153 39.01 4.35 15.15
N ALA B 154 38.05 3.79 15.89
CA ALA B 154 38.28 2.60 16.69
C ALA B 154 38.58 1.39 15.79
N GLU B 155 37.75 1.19 14.76
CA GLU B 155 37.74 -0.07 14.02
C GLU B 155 38.52 0.01 12.71
N LEU B 156 38.53 1.18 12.05
CA LEU B 156 39.04 1.27 10.68
C LEU B 156 40.45 1.88 10.62
N PHE B 157 40.72 2.90 11.44
CA PHE B 157 42.02 3.57 11.44
C PHE B 157 43.17 2.56 11.51
N PRO B 158 43.13 1.54 12.40
CA PRO B 158 44.17 0.51 12.45
C PRO B 158 44.37 -0.33 11.18
N LEU B 159 43.40 -0.31 10.27
CA LEU B 159 43.49 -1.04 9.01
C LEU B 159 44.11 -0.16 7.93
N MET B 160 44.30 1.13 8.24
CA MET B 160 44.53 2.15 7.22
C MET B 160 45.98 2.63 7.27
N SER B 161 46.43 3.22 6.15
CA SER B 161 47.74 3.87 6.10
C SER B 161 47.68 5.19 6.85
N ASP B 162 48.86 5.82 7.01
CA ASP B 162 48.99 7.12 7.65
C ASP B 162 48.25 8.16 6.82
N GLY B 163 48.43 8.10 5.49
CA GLY B 163 47.71 8.96 4.57
C GLY B 163 46.19 8.75 4.70
N GLY B 164 45.76 7.50 4.57
CA GLY B 164 44.37 7.14 4.74
C GLY B 164 43.75 7.81 5.97
N CYS B 165 44.43 7.67 7.11
CA CYS B 165 43.97 8.23 8.38
C CYS B 165 43.93 9.77 8.32
N ARG B 166 44.88 10.38 7.60
CA ARG B 166 44.85 11.83 7.40
C ARG B 166 43.56 12.21 6.67
N GLN B 167 43.32 11.57 5.53
CA GLN B 167 42.15 11.84 4.70
C GLN B 167 40.86 11.56 5.46
N ALA B 168 40.77 10.38 6.07
CA ALA B 168 39.58 9.96 6.77
C ALA B 168 39.26 10.91 7.93
N GLU B 169 40.30 11.32 8.66
CA GLU B 169 40.14 12.23 9.79
C GLU B 169 39.62 13.58 9.31
N ARG B 170 40.03 13.96 8.09
CA ARG B 170 39.61 15.20 7.46
C ARG B 170 38.13 15.10 7.09
N GLU B 171 37.72 13.91 6.64
CA GLU B 171 36.34 13.65 6.23
C GLU B 171 35.42 13.62 7.44
N LEU B 172 35.90 13.09 8.58
CA LEU B 172 35.11 13.01 9.79
C LEU B 172 35.01 14.39 10.45
N ALA B 173 36.00 15.25 10.18
CA ALA B 173 35.99 16.63 10.66
C ALA B 173 34.83 17.39 10.02
N ALA B 174 34.77 17.34 8.69
CA ALA B 174 33.67 17.94 7.94
C ALA B 174 32.32 17.44 8.45
N LEU B 175 32.26 16.14 8.80
CA LEU B 175 31.02 15.49 9.17
C LEU B 175 30.56 15.94 10.56
N ASP B 176 31.50 16.41 11.40
CA ASP B 176 31.17 16.88 12.73
C ASP B 176 30.58 18.28 12.64
N SER B 177 30.99 19.06 11.64
CA SER B 177 30.57 20.44 11.49
C SER B 177 29.16 20.54 10.90
N LEU B 178 28.60 19.42 10.43
CA LEU B 178 27.25 19.40 9.88
C LEU B 178 26.24 19.73 10.96
N PRO B 179 25.16 20.49 10.64
CA PRO B 179 24.10 20.77 11.61
C PRO B 179 23.28 19.50 11.83
N ASP B 180 22.89 19.25 13.09
CA ASP B 180 22.13 18.08 13.45
C ASP B 180 20.67 18.31 13.04
N ILE B 181 20.31 17.82 11.86
CA ILE B 181 19.01 18.07 11.25
C ILE B 181 18.13 16.83 11.41
N THR B 182 16.89 17.05 11.85
CA THR B 182 15.90 15.97 11.96
C THR B 182 14.54 16.49 11.51
N GLU B 183 14.45 16.89 10.24
CA GLU B 183 13.26 17.53 9.69
C GLU B 183 12.46 16.58 8.80
N ALA B 184 13.09 15.51 8.30
CA ALA B 184 12.49 14.65 7.29
C ALA B 184 12.60 13.19 7.68
N VAL B 185 11.67 12.37 7.19
CA VAL B 185 11.83 10.92 7.25
C VAL B 185 12.92 10.56 6.26
N VAL B 186 13.96 9.88 6.76
CA VAL B 186 15.11 9.51 5.95
C VAL B 186 15.12 7.99 5.85
N HIS B 187 15.00 7.50 4.62
CA HIS B 187 14.99 6.08 4.33
C HIS B 187 16.28 5.44 4.86
N GLY B 188 17.41 6.07 4.54
CA GLY B 188 18.69 5.69 5.12
C GLY B 188 19.50 4.77 4.21
N ASN B 189 18.86 4.24 3.16
CA ASN B 189 19.50 3.21 2.37
C ASN B 189 18.98 3.26 0.94
N LEU B 190 18.79 4.46 0.40
CA LEU B 190 17.99 4.65 -0.80
C LEU B 190 18.85 4.45 -2.05
N GLY B 191 19.46 3.27 -2.18
CA GLY B 191 20.19 2.91 -3.37
C GLY B 191 19.26 2.43 -4.48
N ALA B 192 19.78 2.36 -5.71
CA ALA B 192 19.02 1.98 -6.89
C ALA B 192 18.29 0.65 -6.69
N GLU B 193 18.90 -0.26 -5.91
CA GLU B 193 18.38 -1.60 -5.68
C GLU B 193 17.06 -1.57 -4.91
N ASN B 194 16.89 -0.58 -4.02
CA ASN B 194 15.72 -0.52 -3.16
C ASN B 194 14.59 0.32 -3.75
N VAL B 195 14.75 0.78 -5.00
CA VAL B 195 13.71 1.56 -5.67
C VAL B 195 13.28 0.78 -6.91
N LEU B 196 11.99 0.43 -6.97
CA LEU B 196 11.48 -0.52 -7.94
C LEU B 196 10.53 0.19 -8.90
N TRP B 197 10.57 -0.24 -10.17
CA TRP B 197 9.93 0.48 -11.27
C TRP B 197 9.11 -0.47 -12.13
N VAL B 198 8.00 0.07 -12.68
CA VAL B 198 7.18 -0.58 -13.68
C VAL B 198 7.67 -0.13 -15.06
N ARG B 199 8.02 -1.08 -15.92
CA ARG B 199 8.60 -0.79 -17.22
C ARG B 199 7.86 -1.58 -18.30
N ASP B 200 8.17 -1.25 -19.56
CA ASP B 200 7.53 -1.86 -20.72
C ASP B 200 6.03 -1.60 -20.66
N ASP B 201 5.67 -0.41 -20.16
CA ASP B 201 4.33 0.13 -20.29
C ASP B 201 4.46 1.65 -20.29
N GLY B 202 4.98 2.18 -21.40
CA GLY B 202 5.41 3.56 -21.45
C GLY B 202 6.67 3.78 -20.62
N LEU B 203 6.88 5.02 -20.20
CA LEU B 203 8.10 5.39 -19.48
C LEU B 203 8.06 4.79 -18.08
N PRO B 204 9.23 4.56 -17.45
CA PRO B 204 9.28 3.97 -16.11
C PRO B 204 8.42 4.69 -15.08
N ARG B 205 7.56 3.93 -14.41
CA ARG B 205 6.76 4.45 -13.31
C ARG B 205 7.25 3.83 -12.00
N LEU B 206 7.48 4.68 -11.01
CA LEU B 206 7.93 4.27 -9.70
C LEU B 206 6.85 3.39 -9.06
N SER B 207 7.22 2.13 -8.78
CA SER B 207 6.31 1.17 -8.18
C SER B 207 6.29 1.38 -6.67
N GLY B 208 7.47 1.23 -6.05
CA GLY B 208 7.58 1.41 -4.61
C GLY B 208 9.03 1.31 -4.15
N VAL B 209 9.21 1.41 -2.84
CA VAL B 209 10.53 1.41 -2.21
C VAL B 209 10.51 0.36 -1.09
N ILE B 210 11.66 -0.32 -0.91
CA ILE B 210 11.78 -1.39 0.06
C ILE B 210 12.99 -1.12 0.96
N ASP B 211 13.20 -2.01 1.94
CA ASP B 211 14.39 -2.04 2.78
C ASP B 211 14.42 -0.80 3.69
N TRP B 212 13.45 -0.73 4.61
CA TRP B 212 13.29 0.44 5.46
C TRP B 212 13.92 0.25 6.83
N ASP B 213 14.76 -0.79 6.99
CA ASP B 213 15.24 -1.16 8.31
C ASP B 213 16.07 -0.03 8.92
N GLU B 214 16.68 0.81 8.08
CA GLU B 214 17.53 1.88 8.55
C GLU B 214 16.78 3.22 8.56
N VAL B 215 15.44 3.19 8.56
CA VAL B 215 14.64 4.40 8.48
C VAL B 215 14.75 5.17 9.79
N SER B 216 14.70 6.50 9.68
CA SER B 216 14.82 7.39 10.83
C SER B 216 14.32 8.77 10.45
N ILE B 217 14.14 9.62 11.47
CA ILE B 217 14.02 11.06 11.29
C ILE B 217 15.44 11.62 11.28
N GLY B 218 15.83 12.26 10.17
CA GLY B 218 17.16 12.85 10.05
C GLY B 218 17.27 13.85 8.91
N ASP B 219 18.46 13.91 8.32
CA ASP B 219 18.80 14.89 7.30
C ASP B 219 18.55 14.28 5.91
N PRO B 220 17.68 14.90 5.08
CA PRO B 220 17.36 14.35 3.76
C PRO B 220 18.54 14.29 2.78
N ALA B 221 19.59 15.08 3.05
CA ALA B 221 20.81 15.02 2.26
C ALA B 221 21.34 13.58 2.20
N GLU B 222 21.04 12.77 3.22
CA GLU B 222 21.48 11.39 3.29
C GLU B 222 20.89 10.56 2.14
N ASP B 223 19.58 10.69 1.91
CA ASP B 223 18.92 10.00 0.80
C ASP B 223 19.37 10.59 -0.54
N LEU B 224 19.61 11.90 -0.59
CA LEU B 224 20.00 12.55 -1.84
C LEU B 224 21.40 12.12 -2.23
N ALA B 225 22.29 11.98 -1.25
CA ALA B 225 23.62 11.45 -1.51
C ALA B 225 23.51 10.05 -2.12
N ALA B 226 22.67 9.22 -1.51
CA ALA B 226 22.53 7.83 -1.93
C ALA B 226 22.07 7.77 -3.39
N ILE B 227 21.17 8.69 -3.78
CA ILE B 227 20.69 8.75 -5.16
C ILE B 227 21.86 9.09 -6.08
N GLY B 228 22.69 10.05 -5.64
CA GLY B 228 23.84 10.50 -6.43
C GLY B 228 24.91 9.42 -6.58
N ALA B 229 25.13 8.65 -5.51
CA ALA B 229 26.06 7.52 -5.53
C ALA B 229 25.65 6.52 -6.61
N GLY B 230 24.35 6.24 -6.71
CA GLY B 230 23.86 5.20 -7.60
C GLY B 230 23.72 5.65 -9.05
N TYR B 231 23.52 6.95 -9.27
CA TYR B 231 23.14 7.43 -10.59
C TYR B 231 24.03 8.56 -11.11
N GLY B 232 24.95 9.07 -10.27
CA GLY B 232 25.86 10.12 -10.69
C GLY B 232 25.34 11.52 -10.40
N LYS B 233 26.20 12.53 -10.56
CA LYS B 233 25.93 13.88 -10.10
C LYS B 233 25.08 14.65 -11.11
N ASP B 234 25.14 14.28 -12.40
CA ASP B 234 24.25 14.92 -13.38
C ASP B 234 22.80 14.67 -12.96
N PHE B 235 22.44 13.40 -12.75
CA PHE B 235 21.08 13.03 -12.45
C PHE B 235 20.63 13.60 -11.10
N LEU B 236 21.54 13.61 -10.12
CA LEU B 236 21.21 14.19 -8.82
C LEU B 236 20.93 15.68 -8.98
N ASP B 237 21.70 16.36 -9.84
CA ASP B 237 21.52 17.79 -10.05
C ASP B 237 20.14 18.03 -10.65
N GLN B 238 19.71 17.14 -11.55
CA GLN B 238 18.37 17.23 -12.12
C GLN B 238 17.33 17.16 -11.01
N VAL B 239 17.50 16.22 -10.09
CA VAL B 239 16.59 16.00 -8.98
C VAL B 239 16.64 17.21 -8.05
N LEU B 240 17.82 17.78 -7.84
CA LEU B 240 17.97 18.90 -6.92
C LEU B 240 17.32 20.16 -7.48
N THR B 241 17.28 20.29 -8.82
CA THR B 241 16.72 21.48 -9.45
C THR B 241 15.19 21.38 -9.48
N LEU B 242 14.66 20.24 -9.94
CA LEU B 242 13.21 20.00 -9.93
C LEU B 242 12.63 20.22 -8.53
N GLY B 243 13.35 19.71 -7.52
CA GLY B 243 12.86 19.73 -6.15
C GLY B 243 13.13 21.04 -5.44
N GLY B 244 13.93 21.92 -6.06
CA GLY B 244 14.35 23.16 -5.43
C GLY B 244 15.23 22.89 -4.21
N TRP B 245 16.22 22.01 -4.39
CA TRP B 245 17.15 21.65 -3.33
C TRP B 245 18.59 21.91 -3.76
N SER B 246 18.80 22.89 -4.66
CA SER B 246 20.11 23.10 -5.26
C SER B 246 20.83 24.29 -4.64
N ASP B 247 20.40 24.73 -3.45
CA ASP B 247 21.19 25.63 -2.62
C ASP B 247 22.53 24.98 -2.28
N ARG B 248 23.52 25.81 -1.93
CA ARG B 248 24.89 25.34 -1.74
C ARG B 248 25.04 24.73 -0.34
N ARG B 249 24.18 25.10 0.61
CA ARG B 249 24.20 24.48 1.92
C ARG B 249 23.88 23.00 1.80
N MET B 250 22.92 22.67 0.92
CA MET B 250 22.49 21.31 0.69
C MET B 250 23.58 20.56 -0.07
N ALA B 251 24.26 21.24 -1.01
CA ALA B 251 25.34 20.63 -1.80
C ALA B 251 26.50 20.25 -0.90
N THR B 252 26.71 21.03 0.17
CA THR B 252 27.78 20.81 1.13
C THR B 252 27.47 19.58 1.98
N ARG B 253 26.27 19.54 2.56
CA ARG B 253 25.86 18.41 3.39
C ARG B 253 25.91 17.12 2.56
N ILE B 254 25.46 17.18 1.30
CA ILE B 254 25.45 16.01 0.44
C ILE B 254 26.88 15.54 0.20
N ALA B 255 27.78 16.48 -0.13
CA ALA B 255 29.16 16.13 -0.44
C ALA B 255 29.87 15.57 0.79
N THR B 256 29.63 16.20 1.95
CA THR B 256 30.18 15.75 3.21
C THR B 256 29.72 14.31 3.50
N ILE B 257 28.42 14.06 3.31
CA ILE B 257 27.85 12.76 3.63
C ILE B 257 28.28 11.74 2.57
N ARG B 258 28.31 12.15 1.30
CA ARG B 258 28.67 11.30 0.19
C ARG B 258 30.03 10.64 0.46
N ALA B 259 30.99 11.47 0.88
CA ALA B 259 32.38 11.06 1.02
C ALA B 259 32.60 10.23 2.28
N THR B 260 31.52 9.73 2.89
CA THR B 260 31.63 8.80 4.01
C THR B 260 31.07 7.42 3.65
N PHE B 261 30.68 7.23 2.38
CA PHE B 261 30.04 5.99 1.97
C PHE B 261 31.07 4.87 1.91
N ALA B 262 32.25 5.14 1.39
CA ALA B 262 33.37 4.21 1.44
C ALA B 262 33.65 3.78 2.88
N LEU B 263 33.69 4.76 3.80
CA LEU B 263 33.97 4.48 5.20
C LEU B 263 32.81 3.71 5.84
N GLN B 264 31.56 4.03 5.45
CA GLN B 264 30.39 3.31 5.96
C GLN B 264 30.45 1.85 5.53
N GLN B 265 30.69 1.62 4.23
CA GLN B 265 30.80 0.29 3.66
C GLN B 265 31.90 -0.51 4.35
N ALA B 266 33.05 0.13 4.56
CA ALA B 266 34.19 -0.50 5.22
C ALA B 266 33.80 -0.91 6.64
N LEU B 267 33.19 0.02 7.38
CA LEU B 267 32.77 -0.23 8.75
C LEU B 267 31.74 -1.36 8.81
N SER B 268 30.78 -1.37 7.88
CA SER B 268 29.82 -2.46 7.77
C SER B 268 30.55 -3.77 7.51
N ALA B 269 31.46 -3.76 6.52
CA ALA B 269 32.18 -4.94 6.08
C ALA B 269 33.13 -5.47 7.16
N CYS B 270 33.66 -4.54 7.97
CA CYS B 270 34.54 -4.89 9.08
C CYS B 270 33.78 -5.77 10.08
N ARG B 271 32.60 -5.30 10.51
CA ARG B 271 31.76 -6.00 11.47
C ARG B 271 31.18 -7.27 10.83
N ASP B 272 30.81 -7.19 9.54
CA ASP B 272 30.15 -8.29 8.84
C ASP B 272 31.12 -9.43 8.56
N GLY B 273 32.43 -9.20 8.72
CA GLY B 273 33.43 -10.16 8.29
C GLY B 273 33.30 -10.45 6.79
N ASP B 274 33.07 -9.38 6.03
CA ASP B 274 32.85 -9.45 4.59
C ASP B 274 34.02 -8.74 3.91
N GLU B 275 35.14 -9.46 3.75
CA GLU B 275 36.44 -8.87 3.41
C GLU B 275 36.46 -8.28 1.99
N GLU B 276 35.56 -8.74 1.11
CA GLU B 276 35.47 -8.21 -0.25
C GLU B 276 35.00 -6.76 -0.19
N GLU B 277 33.97 -6.50 0.61
CA GLU B 277 33.41 -5.16 0.81
C GLU B 277 34.42 -4.26 1.51
N LEU B 278 35.09 -4.79 2.55
CA LEU B 278 36.03 -4.02 3.34
C LEU B 278 37.20 -3.56 2.47
N ALA B 279 37.67 -4.45 1.60
CA ALA B 279 38.73 -4.13 0.65
C ALA B 279 38.31 -2.96 -0.23
N ASP B 280 37.09 -3.03 -0.77
CA ASP B 280 36.57 -2.03 -1.69
C ASP B 280 36.37 -0.70 -0.97
N GLY B 281 35.80 -0.77 0.24
CA GLY B 281 35.58 0.41 1.05
C GLY B 281 36.87 1.14 1.41
N LEU B 282 37.94 0.38 1.65
CA LEU B 282 39.21 0.93 2.08
C LEU B 282 40.08 1.30 0.89
N THR B 283 39.64 0.96 -0.34
CA THR B 283 40.34 1.41 -1.53
C THR B 283 40.60 2.90 -1.39
N GLY B 284 41.89 3.29 -1.35
CA GLY B 284 42.28 4.68 -1.26
C GLY B 284 42.69 5.10 0.15
N TYR B 285 42.33 4.29 1.15
CA TYR B 285 42.62 4.61 2.54
C TYR B 285 43.80 3.77 3.04
N ARG B 286 44.28 2.84 2.20
CA ARG B 286 45.45 2.04 2.50
C ARG B 286 46.16 1.70 1.19
#